data_3M09
#
_entry.id   3M09
#
_cell.length_a   79.180
_cell.length_b   79.180
_cell.length_c   107.880
_cell.angle_alpha   90.00
_cell.angle_beta   90.00
_cell.angle_gamma   120.00
#
_symmetry.space_group_name_H-M   'P 61 2 2'
#
loop_
_entity.id
_entity.type
_entity.pdbx_description
1 polymer 'Dihydrofolate reductase'
2 non-polymer 5-(3,4-dimethoxy-5-{(1E)-3-oxo-3-[(1S)-1-propylphthalazin-2(1H)-yl]prop-1-en-1-yl}benzyl)pyrimidine-2,4-diamine
3 non-polymer 'NADP NICOTINAMIDE-ADENINE-DINUCLEOTIDE PHOSPHATE'
4 non-polymer GLYCEROL
5 water water
#
_entity_poly.entity_id   1
_entity_poly.type   'polypeptide(L)'
_entity_poly.pdbx_seq_one_letter_code
;TLSILVAHDLQRVIGFENQLPWHLPNDLKHVKKLSTGHTLVMGRKTFESIGKPLPNRRNVVLTSDTSFNVEGVDVIHSIE
DIYQLPGHVFIFGGQTLYEEMIDKVDDMYITVIEGKFRGDTFFPPYTFEDWEVASSVEGKLDEKNTIPHTFLHLIRKAVP
R
;
_entity_poly.pdbx_strand_id   A
#
loop_
_chem_comp.id
_chem_comp.type
_chem_comp.name
_chem_comp.formula
GOL non-polymer GLYCEROL 'C3 H8 O3'
NAP non-polymer 'NADP NICOTINAMIDE-ADENINE-DINUCLEOTIDE PHOSPHATE' 'C21 H28 N7 O17 P3'
RAR non-polymer 5-(3,4-dimethoxy-5-{(1E)-3-oxo-3-[(1S)-1-propylphthalazin-2(1H)-yl]prop-1-en-1-yl}benzyl)pyrimidine-2,4-diamine 'C27 H30 N6 O3'
#
# COMPACT_ATOMS: atom_id res chain seq x y z
N THR A 1 7.13 -10.76 8.30
CA THR A 1 5.97 -10.77 7.41
C THR A 1 6.15 -9.77 6.27
N LEU A 2 5.62 -10.11 5.10
CA LEU A 2 5.61 -9.21 3.96
C LEU A 2 4.16 -8.97 3.56
N SER A 3 3.70 -7.73 3.66
CA SER A 3 2.31 -7.41 3.41
C SER A 3 2.16 -6.31 2.38
N ILE A 4 1.09 -6.37 1.60
CA ILE A 4 0.70 -5.23 0.79
C ILE A 4 -0.18 -4.31 1.64
N LEU A 5 -0.01 -3.01 1.45
CA LEU A 5 -0.85 -2.01 2.11
C LEU A 5 -1.30 -1.05 1.03
N VAL A 6 -2.60 -0.95 0.82
CA VAL A 6 -3.11 -0.18 -0.33
C VAL A 6 -4.56 0.23 -0.13
N ALA A 7 -4.95 1.32 -0.76
CA ALA A 7 -6.35 1.69 -0.88
C ALA A 7 -6.69 1.74 -2.37
N HIS A 8 -7.74 1.03 -2.76
CA HIS A 8 -8.17 1.07 -4.16
C HIS A 8 -9.68 1.22 -4.26
N ASP A 9 -10.16 1.81 -5.34
CA ASP A 9 -11.60 2.02 -5.47
C ASP A 9 -12.30 0.81 -6.12
N LEU A 10 -13.57 0.97 -6.44
CA LEU A 10 -14.38 -0.13 -6.96
C LEU A 10 -13.82 -0.67 -8.27
N GLN A 11 -13.00 0.13 -8.94
CA GLN A 11 -12.42 -0.31 -10.21
C GLN A 11 -10.90 -0.47 -10.09
N ARG A 12 -10.44 -0.51 -8.85
CA ARG A 12 -9.01 -0.70 -8.52
C ARG A 12 -8.12 0.48 -8.85
N VAL A 13 -8.70 1.66 -9.04
CA VAL A 13 -7.91 2.88 -9.13
C VAL A 13 -7.17 3.10 -7.81
N ILE A 14 -5.89 3.45 -7.89
CA ILE A 14 -5.13 3.79 -6.69
C ILE A 14 -4.56 5.21 -6.72
N GLY A 15 -4.52 5.82 -7.90
CA GLY A 15 -3.85 7.12 -8.01
C GLY A 15 -4.26 7.92 -9.22
N PHE A 16 -4.08 9.23 -9.14
CA PHE A 16 -4.25 10.11 -10.29
C PHE A 16 -3.28 11.27 -10.22
N GLU A 17 -2.50 11.45 -11.27
CA GLU A 17 -1.49 12.50 -11.31
C GLU A 17 -0.64 12.51 -10.05
N ASN A 18 -0.17 11.32 -9.68
CA ASN A 18 0.77 11.14 -8.57
C ASN A 18 0.21 11.59 -7.22
N GLN A 19 -1.10 11.54 -7.09
CA GLN A 19 -1.76 11.81 -5.82
CA GLN A 19 -1.78 11.83 -5.83
C GLN A 19 -2.87 10.79 -5.58
N LEU A 20 -3.34 10.69 -4.35
CA LEU A 20 -4.51 9.85 -4.09
C LEU A 20 -5.72 10.58 -4.66
N PRO A 21 -6.62 9.85 -5.32
CA PRO A 21 -7.80 10.53 -5.90
C PRO A 21 -8.79 11.00 -4.85
N TRP A 22 -8.72 10.46 -3.64
CA TRP A 22 -9.72 10.75 -2.61
C TRP A 22 -9.13 11.49 -1.42
N HIS A 23 -9.96 12.24 -0.73
CA HIS A 23 -9.61 12.81 0.56
C HIS A 23 -10.29 11.99 1.63
N LEU A 24 -9.52 11.19 2.35
CA LEU A 24 -10.08 10.30 3.35
C LEU A 24 -9.13 10.15 4.53
N PRO A 25 -9.17 11.11 5.47
CA PRO A 25 -8.27 11.12 6.62
C PRO A 25 -8.24 9.80 7.37
N ASN A 26 -9.40 9.17 7.54
CA ASN A 26 -9.47 7.93 8.29
C ASN A 26 -8.55 6.85 7.72
N ASP A 27 -8.38 6.84 6.40
CA ASP A 27 -7.53 5.80 5.83
C ASP A 27 -6.06 6.05 6.12
N LEU A 28 -5.66 7.31 6.09
CA LEU A 28 -4.29 7.66 6.43
C LEU A 28 -4.02 7.32 7.91
N LYS A 29 -5.04 7.48 8.74
CA LYS A 29 -4.95 7.08 10.14
C LYS A 29 -4.78 5.56 10.26
N HIS A 30 -5.52 4.83 9.43
CA HIS A 30 -5.42 3.38 9.34
C HIS A 30 -4.00 2.97 8.94
N VAL A 31 -3.48 3.61 7.91
CA VAL A 31 -2.13 3.34 7.45
C VAL A 31 -1.12 3.59 8.56
N LYS A 32 -1.27 4.72 9.24
CA LYS A 32 -0.39 5.07 10.35
C LYS A 32 -0.38 4.00 11.42
N LYS A 33 -1.57 3.57 11.83
CA LYS A 33 -1.69 2.58 12.90
C LYS A 33 -1.03 1.25 12.53
N LEU A 34 -1.27 0.79 11.30
CA LEU A 34 -0.69 -0.47 10.85
C LEU A 34 0.83 -0.48 10.76
N SER A 35 1.41 0.62 10.29
CA SER A 35 2.81 0.63 9.88
C SER A 35 3.78 1.25 10.89
N THR A 36 3.25 1.96 11.88
CA THR A 36 4.13 2.56 12.89
C THR A 36 5.01 1.50 13.56
N GLY A 37 6.30 1.78 13.65
CA GLY A 37 7.22 0.84 14.26
C GLY A 37 7.68 -0.25 13.32
N HIS A 38 7.24 -0.20 12.06
CA HIS A 38 7.62 -1.22 11.08
C HIS A 38 8.31 -0.61 9.86
N THR A 39 8.20 -1.26 8.71
CA THR A 39 8.89 -0.80 7.51
C THR A 39 7.96 -0.61 6.33
N LEU A 40 8.09 0.53 5.65
CA LEU A 40 7.38 0.79 4.41
C LEU A 40 8.34 0.73 3.23
N VAL A 41 7.97 -0.03 2.20
CA VAL A 41 8.72 -0.04 0.94
C VAL A 41 7.86 0.60 -0.14
N MET A 42 8.41 1.60 -0.82
CA MET A 42 7.64 2.31 -1.83
C MET A 42 8.50 2.64 -3.05
N GLY A 43 7.86 2.74 -4.21
CA GLY A 43 8.54 3.16 -5.42
C GLY A 43 8.89 4.63 -5.33
N ARG A 44 9.78 5.08 -6.21
CA ARG A 44 10.31 6.44 -6.13
C ARG A 44 9.21 7.50 -6.30
N LYS A 45 8.26 7.25 -7.18
CA LYS A 45 7.20 8.21 -7.46
C LYS A 45 6.28 8.38 -6.26
N THR A 46 5.92 7.27 -5.63
CA THR A 46 5.12 7.33 -4.41
C THR A 46 5.85 8.15 -3.34
N PHE A 47 7.15 7.93 -3.18
CA PHE A 47 7.88 8.74 -2.20
C PHE A 47 7.85 10.23 -2.53
N GLU A 48 8.16 10.58 -3.78
CA GLU A 48 8.19 11.98 -4.19
C GLU A 48 6.83 12.65 -3.97
N SER A 49 5.75 11.88 -4.11
CA SER A 49 4.41 12.41 -3.91
C SER A 49 4.19 12.76 -2.44
N ILE A 50 4.65 11.89 -1.54
CA ILE A 50 4.54 12.14 -0.11
C ILE A 50 5.46 13.28 0.30
N GLY A 51 6.64 13.34 -0.31
CA GLY A 51 7.52 14.49 -0.14
C GLY A 51 8.61 14.33 0.91
N LYS A 52 8.38 13.47 1.89
CA LYS A 52 9.33 13.25 2.97
C LYS A 52 9.02 11.94 3.68
N PRO A 53 9.94 11.46 4.53
CA PRO A 53 9.70 10.20 5.23
C PRO A 53 8.53 10.32 6.19
N LEU A 54 7.78 9.24 6.36
CA LEU A 54 6.75 9.20 7.38
C LEU A 54 7.40 8.88 8.72
N PRO A 55 7.07 9.65 9.76
CA PRO A 55 7.69 9.52 11.08
C PRO A 55 7.44 8.18 11.73
N ASN A 56 8.41 7.74 12.55
CA ASN A 56 8.22 6.61 13.47
C ASN A 56 8.06 5.25 12.81
N ARG A 57 8.65 5.11 11.63
CA ARG A 57 8.86 3.81 11.02
C ARG A 57 9.94 3.93 9.97
N ARG A 58 10.44 2.79 9.49
CA ARG A 58 11.49 2.79 8.48
C ARG A 58 10.91 3.06 7.09
N ASN A 59 11.48 4.04 6.40
CA ASN A 59 11.08 4.37 5.05
C ASN A 59 12.10 3.88 4.04
N VAL A 60 11.70 2.93 3.21
CA VAL A 60 12.59 2.40 2.18
C VAL A 60 12.07 2.72 0.78
N VAL A 61 12.93 3.27 -0.05
CA VAL A 61 12.54 3.65 -1.40
C VAL A 61 13.30 2.84 -2.46
N LEU A 62 12.53 2.22 -3.35
CA LEU A 62 13.08 1.49 -4.48
C LEU A 62 13.20 2.41 -5.69
N THR A 63 14.41 2.51 -6.23
CA THR A 63 14.69 3.39 -7.35
C THR A 63 15.95 2.88 -8.05
N SER A 64 16.07 3.18 -9.35
CA SER A 64 17.29 2.86 -10.07
C SER A 64 18.31 3.98 -9.91
N ASP A 65 17.91 5.06 -9.25
CA ASP A 65 18.77 6.25 -9.14
C ASP A 65 19.84 6.06 -8.06
N THR A 66 21.07 5.84 -8.49
CA THR A 66 22.17 5.61 -7.56
C THR A 66 22.64 6.90 -6.87
N SER A 67 22.10 8.04 -7.31
CA SER A 67 22.37 9.31 -6.65
C SER A 67 21.32 9.60 -5.57
N PHE A 68 20.30 8.75 -5.50
CA PHE A 68 19.22 8.97 -4.55
C PHE A 68 19.75 8.95 -3.13
N ASN A 69 19.50 10.05 -2.41
CA ASN A 69 19.90 10.15 -1.03
C ASN A 69 19.01 11.16 -0.32
N VAL A 70 18.22 10.66 0.62
CA VAL A 70 17.32 11.51 1.37
C VAL A 70 17.44 11.21 2.86
N GLU A 71 17.71 12.24 3.66
CA GLU A 71 17.84 12.05 5.09
C GLU A 71 16.60 11.37 5.64
N GLY A 72 16.80 10.29 6.39
CA GLY A 72 15.71 9.55 6.99
C GLY A 72 15.11 8.49 6.08
N VAL A 73 15.69 8.35 4.89
CA VAL A 73 15.20 7.36 3.93
C VAL A 73 16.29 6.35 3.61
N ASP A 74 15.93 5.07 3.62
CA ASP A 74 16.84 4.03 3.17
C ASP A 74 16.52 3.69 1.72
N VAL A 75 17.56 3.48 0.91
CA VAL A 75 17.37 3.22 -0.51
C VAL A 75 17.71 1.78 -0.86
N ILE A 76 16.92 1.20 -1.76
CA ILE A 76 17.25 -0.09 -2.37
C ILE A 76 17.15 0.05 -3.89
N HIS A 77 17.83 -0.83 -4.62
CA HIS A 77 17.86 -0.73 -6.07
C HIS A 77 17.33 -1.99 -6.76
N SER A 78 16.85 -2.94 -5.98
CA SER A 78 16.36 -4.19 -6.53
C SER A 78 15.19 -4.73 -5.72
N ILE A 79 14.24 -5.36 -6.40
CA ILE A 79 13.15 -6.05 -5.72
C ILE A 79 13.71 -7.05 -4.72
N GLU A 80 14.77 -7.75 -5.12
CA GLU A 80 15.35 -8.78 -4.27
C GLU A 80 15.85 -8.22 -2.93
N ASP A 81 16.17 -6.93 -2.90
CA ASP A 81 16.61 -6.29 -1.67
C ASP A 81 15.53 -6.33 -0.60
N ILE A 82 14.27 -6.35 -1.02
CA ILE A 82 13.15 -6.33 -0.09
C ILE A 82 13.21 -7.51 0.87
N TYR A 83 13.62 -8.66 0.35
CA TYR A 83 13.62 -9.89 1.14
C TYR A 83 14.67 -9.91 2.26
N GLN A 84 15.57 -8.92 2.24
CA GLN A 84 16.61 -8.81 3.27
C GLN A 84 16.22 -7.85 4.39
N LEU A 85 15.11 -7.14 4.23
CA LEU A 85 14.64 -6.22 5.25
C LEU A 85 14.05 -7.00 6.44
N PRO A 86 14.49 -6.66 7.65
CA PRO A 86 13.99 -7.35 8.85
C PRO A 86 12.60 -6.87 9.24
N GLY A 87 11.87 -7.71 9.98
CA GLY A 87 10.64 -7.30 10.62
C GLY A 87 9.44 -7.34 9.71
N HIS A 88 8.38 -6.64 10.09
CA HIS A 88 7.18 -6.57 9.27
C HIS A 88 7.32 -5.50 8.18
N VAL A 89 7.31 -5.95 6.93
CA VAL A 89 7.50 -5.06 5.79
C VAL A 89 6.21 -4.87 5.01
N PHE A 90 5.83 -3.61 4.80
CA PHE A 90 4.62 -3.27 4.06
C PHE A 90 4.97 -2.71 2.68
N ILE A 91 4.48 -3.36 1.64
CA ILE A 91 4.57 -2.83 0.29
C ILE A 91 3.57 -1.67 0.13
N PHE A 92 4.11 -0.46 -0.04
CA PHE A 92 3.37 0.77 0.18
C PHE A 92 2.95 1.48 -1.12
N GLY A 93 3.25 0.87 -2.27
CA GLY A 93 2.91 1.45 -3.56
C GLY A 93 4.14 1.82 -4.38
N GLY A 94 3.95 2.29 -5.62
CA GLY A 94 2.64 2.44 -6.25
C GLY A 94 2.31 1.28 -7.17
N GLN A 95 1.72 1.58 -8.33
CA GLN A 95 1.28 0.52 -9.24
C GLN A 95 2.40 -0.47 -9.54
N THR A 96 3.58 0.05 -9.88
CA THR A 96 4.68 -0.82 -10.27
C THR A 96 5.06 -1.78 -9.15
N LEU A 97 5.17 -1.28 -7.93
CA LEU A 97 5.53 -2.12 -6.79
C LEU A 97 4.47 -3.21 -6.54
N TYR A 98 3.20 -2.82 -6.61
CA TYR A 98 2.14 -3.80 -6.40
C TYR A 98 2.19 -4.90 -7.47
N GLU A 99 2.37 -4.51 -8.72
CA GLU A 99 2.44 -5.47 -9.81
C GLU A 99 3.58 -6.46 -9.59
N GLU A 100 4.71 -5.95 -9.12
CA GLU A 100 5.90 -6.76 -8.89
C GLU A 100 5.77 -7.65 -7.65
N MET A 101 4.93 -7.27 -6.69
CA MET A 101 4.90 -7.96 -5.41
C MET A 101 3.64 -8.77 -5.09
N ILE A 102 2.56 -8.55 -5.83
CA ILE A 102 1.28 -9.16 -5.42
C ILE A 102 1.35 -10.69 -5.37
N ASP A 103 2.16 -11.30 -6.22
CA ASP A 103 2.30 -12.76 -6.21
C ASP A 103 3.26 -13.24 -5.14
N LYS A 104 3.84 -12.31 -4.38
CA LYS A 104 4.91 -12.65 -3.45
C LYS A 104 4.55 -12.42 -1.98
N VAL A 105 3.57 -11.56 -1.72
CA VAL A 105 3.29 -11.20 -0.32
C VAL A 105 2.50 -12.27 0.44
N ASP A 106 2.65 -12.29 1.77
CA ASP A 106 1.90 -13.21 2.62
C ASP A 106 0.43 -12.80 2.68
N ASP A 107 0.19 -11.50 2.82
CA ASP A 107 -1.15 -11.00 3.00
C ASP A 107 -1.28 -9.56 2.51
N MET A 108 -2.50 -9.04 2.53
CA MET A 108 -2.75 -7.68 2.05
C MET A 108 -3.70 -6.96 2.97
N TYR A 109 -3.35 -5.72 3.30
CA TYR A 109 -4.26 -4.82 4.00
C TYR A 109 -4.84 -3.85 2.98
N ILE A 110 -6.10 -4.08 2.61
CA ILE A 110 -6.71 -3.31 1.53
C ILE A 110 -7.86 -2.46 2.05
N THR A 111 -7.80 -1.16 1.79
CA THR A 111 -8.96 -0.32 1.99
C THR A 111 -9.70 -0.19 0.67
N VAL A 112 -10.89 -0.79 0.60
CA VAL A 112 -11.73 -0.62 -0.58
C VAL A 112 -12.49 0.69 -0.46
N ILE A 113 -12.20 1.63 -1.35
CA ILE A 113 -12.94 2.88 -1.40
C ILE A 113 -14.18 2.62 -2.26
N GLU A 114 -15.35 2.72 -1.64
CA GLU A 114 -16.59 2.32 -2.30
C GLU A 114 -17.12 3.41 -3.22
N GLY A 115 -16.30 3.77 -4.21
CA GLY A 115 -16.67 4.77 -5.20
C GLY A 115 -15.91 4.57 -6.51
N LYS A 116 -16.22 5.41 -7.49
CA LYS A 116 -15.56 5.34 -8.80
C LYS A 116 -14.89 6.67 -9.08
N PHE A 117 -13.56 6.67 -9.05
CA PHE A 117 -12.77 7.88 -9.27
C PHE A 117 -12.07 7.80 -10.61
N ARG A 118 -11.72 8.95 -11.17
CA ARG A 118 -10.80 9.01 -12.30
C ARG A 118 -9.38 8.66 -11.84
N GLY A 119 -8.75 7.71 -12.51
CA GLY A 119 -7.40 7.31 -12.14
C GLY A 119 -6.49 7.14 -13.33
N ASP A 120 -5.18 7.15 -13.07
CA ASP A 120 -4.21 6.81 -14.11
C ASP A 120 -3.28 5.69 -13.64
N THR A 121 -3.53 5.18 -12.44
CA THR A 121 -2.76 4.06 -11.90
C THR A 121 -3.69 3.11 -11.14
N PHE A 122 -3.39 1.81 -11.20
CA PHE A 122 -4.30 0.79 -10.72
C PHE A 122 -3.61 -0.29 -9.93
N PHE A 123 -4.34 -0.87 -8.99
CA PHE A 123 -3.93 -2.11 -8.34
C PHE A 123 -4.23 -3.29 -9.30
N PRO A 124 -3.35 -4.29 -9.34
CA PRO A 124 -3.56 -5.43 -10.24
C PRO A 124 -4.83 -6.17 -9.88
N PRO A 125 -5.52 -6.75 -10.88
CA PRO A 125 -6.69 -7.60 -10.57
C PRO A 125 -6.28 -8.77 -9.67
N TYR A 126 -7.19 -9.16 -8.80
CA TYR A 126 -7.00 -10.34 -7.96
C TYR A 126 -8.37 -10.95 -7.71
N THR A 127 -8.42 -12.20 -7.26
CA THR A 127 -9.70 -12.84 -7.00
C THR A 127 -9.81 -13.37 -5.58
N PHE A 128 -10.97 -13.21 -4.96
CA PHE A 128 -11.21 -13.76 -3.63
C PHE A 128 -11.15 -15.30 -3.61
N GLU A 129 -11.12 -15.91 -4.79
CA GLU A 129 -10.87 -17.35 -4.85
C GLU A 129 -9.50 -17.66 -4.25
N ASP A 130 -8.58 -16.69 -4.35
CA ASP A 130 -7.20 -16.90 -3.94
C ASP A 130 -6.93 -16.36 -2.54
N TRP A 131 -7.87 -15.57 -2.01
CA TRP A 131 -7.61 -14.80 -0.79
C TRP A 131 -8.71 -14.95 0.25
N GLU A 132 -8.33 -15.36 1.46
CA GLU A 132 -9.27 -15.48 2.56
C GLU A 132 -9.44 -14.14 3.28
N VAL A 133 -10.69 -13.80 3.57
CA VAL A 133 -10.99 -12.57 4.29
C VAL A 133 -10.77 -12.77 5.78
N ALA A 134 -9.58 -12.44 6.27
CA ALA A 134 -9.28 -12.58 7.69
C ALA A 134 -10.15 -11.62 8.49
N SER A 135 -10.41 -10.45 7.91
CA SER A 135 -11.33 -9.50 8.52
C SER A 135 -11.82 -8.46 7.51
N SER A 136 -13.01 -7.95 7.77
CA SER A 136 -13.64 -6.95 6.92
C SER A 136 -14.41 -6.01 7.84
N VAL A 137 -13.97 -4.75 7.89
CA VAL A 137 -14.55 -3.78 8.81
C VAL A 137 -14.95 -2.50 8.08
N GLU A 138 -16.22 -2.13 8.18
CA GLU A 138 -16.67 -0.87 7.57
C GLU A 138 -16.01 0.32 8.26
N GLY A 139 -15.51 1.26 7.47
CA GLY A 139 -15.00 2.50 8.01
C GLY A 139 -16.18 3.35 8.44
N LYS A 140 -16.01 4.15 9.48
CA LYS A 140 -17.09 5.02 9.95
C LYS A 140 -17.10 6.33 9.17
N LEU A 141 -18.29 6.78 8.78
CA LEU A 141 -18.43 8.02 8.02
C LEU A 141 -18.71 9.19 8.96
N ASP A 142 -18.31 10.39 8.55
CA ASP A 142 -18.56 11.59 9.34
C ASP A 142 -18.24 12.85 8.54
N GLU A 143 -18.07 13.95 9.26
CA GLU A 143 -17.80 15.24 8.65
C GLU A 143 -16.59 15.20 7.72
N LYS A 144 -15.46 14.69 8.23
CA LYS A 144 -14.22 14.70 7.48
C LYS A 144 -14.05 13.46 6.58
N ASN A 145 -14.89 12.45 6.79
CA ASN A 145 -14.75 11.19 6.05
C ASN A 145 -16.07 10.76 5.43
N THR A 146 -16.28 11.13 4.17
CA THR A 146 -17.59 11.10 3.56
C THR A 146 -17.73 10.04 2.47
N ILE A 147 -16.66 9.30 2.22
CA ILE A 147 -16.69 8.23 1.23
C ILE A 147 -16.75 6.88 1.92
N PRO A 148 -17.79 6.07 1.62
CA PRO A 148 -17.86 4.74 2.22
C PRO A 148 -16.60 3.94 1.90
N HIS A 149 -16.08 3.22 2.88
CA HIS A 149 -14.85 2.46 2.69
C HIS A 149 -14.81 1.27 3.63
N THR A 150 -14.11 0.23 3.19
CA THR A 150 -14.03 -1.01 3.95
C THR A 150 -12.59 -1.47 4.11
N PHE A 151 -12.20 -1.74 5.35
CA PHE A 151 -10.88 -2.27 5.65
C PHE A 151 -10.86 -3.79 5.53
N LEU A 152 -10.13 -4.31 4.55
CA LEU A 152 -9.97 -5.76 4.40
C LEU A 152 -8.58 -6.20 4.84
N HIS A 153 -8.50 -7.32 5.53
CA HIS A 153 -7.23 -8.01 5.71
C HIS A 153 -7.36 -9.35 4.99
N LEU A 154 -6.63 -9.50 3.90
CA LEU A 154 -6.72 -10.71 3.07
C LEU A 154 -5.47 -11.56 3.23
N ILE A 155 -5.64 -12.87 3.38
CA ILE A 155 -4.50 -13.75 3.55
C ILE A 155 -4.53 -14.79 2.44
N ARG A 156 -3.37 -15.01 1.82
CA ARG A 156 -3.29 -15.90 0.66
C ARG A 156 -3.74 -17.31 1.04
N LYS A 157 -4.64 -17.87 0.25
CA LYS A 157 -5.14 -19.21 0.50
C LYS A 157 -4.10 -20.24 0.08
N ALA A 158 -3.97 -21.35 0.82
CA ALA A 158 -3.06 -22.45 0.44
C ALA A 158 -3.76 -23.38 -0.56
N VAL A 159 -3.02 -23.91 -1.52
CA VAL A 159 -3.58 -24.87 -2.47
C VAL A 159 -3.36 -26.28 -1.93
N PRO A 160 -4.45 -26.97 -1.56
CA PRO A 160 -4.31 -28.30 -0.95
C PRO A 160 -4.79 -29.42 -1.85
N ARG A 161 -4.41 -30.65 -1.46
CA ARG A 161 -4.82 -31.91 -2.11
C ARG A 161 -3.64 -32.65 -2.75
N01 RAR B . 0.06 2.42 1.00
C02 RAR B . -1.12 3.20 1.24
C03 RAR B . -1.12 4.53 1.08
C04 RAR B . 0.16 5.21 0.68
C05 RAR B . 0.09 6.70 0.69
C06 RAR B . 0.15 7.40 -0.54
C07 RAR B . 0.10 8.77 -0.54
O08 RAR B . 0.18 9.49 -1.71
C09 RAR B . 0.16 8.85 -2.92
C10 RAR B . 0.00 9.50 0.75
O11 RAR B . -0.08 10.87 0.72
C12 RAR B . -1.32 11.46 0.73
C13 RAR B . -0.05 8.84 1.93
C14 RAR B . -0.17 9.65 3.19
C15 RAR B . 0.32 9.20 4.39
C15 RAR B . 0.88 10.42 3.63
C16 RAR B . 0.07 10.01 5.62
C16 RAR B . 0.76 11.14 4.93
N17 RAR B . 0.14 9.38 6.91
N17 RAR B . 1.55 12.28 5.21
N18 RAR B . 0.67 8.01 6.97
N18 RAR B . 2.42 12.88 4.20
C19 RAR B . 1.05 7.57 8.31
C19 RAR B . 3.77 13.25 4.68
C20 RAR B . -0.02 10.20 8.11
C20 RAR B . 1.51 12.86 6.55
C21 RAR B . -1.36 10.66 8.55
C21 RAR B . 0.29 13.56 7.03
C22 RAR B . -1.70 10.52 9.99
C23 RAR B . -3.08 10.08 10.36
C24 RAR B . 1.08 9.91 9.13
C24 RAR B . 2.90 13.26 7.05
C25 RAR B . 1.60 8.66 9.20
C25 RAR B . 3.93 13.42 6.17
C26 RAR B . 2.63 8.39 10.13
C26 RAR B . 5.21 13.78 6.68
C27 RAR B . 3.14 9.42 10.98
C27 RAR B . 5.42 13.96 8.08
C28 RAR B . 2.60 10.73 10.90
C28 RAR B . 4.36 13.77 8.98
C29 RAR B . 1.60 11.00 10.02
C29 RAR B . 3.12 13.44 8.51
O30 RAR B . -0.16 11.20 5.53
O30 RAR B . 0.11 10.63 5.83
C31 RAR B . -0.01 7.43 1.94
C32 RAR B . -2.28 5.25 1.32
N33 RAR B . -3.43 4.58 1.72
C34 RAR B . -3.42 3.22 1.88
N35 RAR B . -4.58 2.52 2.37
N36 RAR B . -2.30 2.53 1.66
PA NAP C . 5.74 4.05 -8.16
O1A NAP C . 5.44 2.53 -8.16
O2A NAP C . 5.38 4.67 -6.83
O5B NAP C . 7.26 4.28 -8.38
C5B NAP C . 7.78 4.13 -9.67
C4B NAP C . 9.26 3.99 -9.62
O4B NAP C . 9.80 3.08 -8.56
C3B NAP C . 10.08 3.74 -10.86
O3B NAP C . 10.02 4.58 -11.94
C2B NAP C . 11.38 3.48 -10.23
O2B NAP C . 12.11 4.54 -9.78
C1B NAP C . 10.89 2.40 -9.28
N9A NAP C . 11.00 0.99 -9.25
C8A NAP C . 9.94 0.17 -9.32
N7A NAP C . 10.46 -1.16 -9.44
C5A NAP C . 11.85 -1.08 -9.47
C6A NAP C . 12.83 -2.07 -9.57
N6A NAP C . 12.43 -3.44 -9.69
N1A NAP C . 14.11 -1.73 -9.58
C2A NAP C . 14.48 -0.42 -9.48
N3A NAP C . 13.51 0.57 -9.38
C4A NAP C . 12.21 0.22 -9.38
O3 NAP C . 5.06 4.77 -9.40
PN NAP C . 3.67 4.35 -10.04
O1N NAP C . 3.38 5.30 -11.24
O2N NAP C . 3.71 2.93 -10.50
O5D NAP C . 2.53 4.56 -8.96
C5D NAP C . 2.25 5.89 -8.62
C4D NAP C . 0.85 6.15 -8.10
O4D NAP C . 0.38 5.24 -7.05
C3D NAP C . 0.39 7.54 -7.72
O3D NAP C . -0.65 8.13 -8.40
C2D NAP C . 0.21 7.52 -6.24
O2D NAP C . -0.54 8.51 -5.66
C1D NAP C . -0.16 6.07 -5.98
N1N NAP C . -0.38 5.43 -4.72
C2N NAP C . -1.64 5.09 -4.09
C3N NAP C . -1.64 4.03 -2.98
C7N NAP C . -2.95 3.62 -2.46
O7N NAP C . -3.01 2.92 -1.46
N7N NAP C . -4.12 4.16 -3.07
C4N NAP C . -0.33 3.51 -2.38
C5N NAP C . 0.90 4.37 -2.77
C6N NAP C . 0.88 5.19 -4.07
P2B NAP C . 13.12 5.24 -10.74
O1X NAP C . 12.40 5.72 -12.04
O2X NAP C . 13.71 6.44 -9.95
O3X NAP C . 14.19 4.25 -11.12
H51A NAP C . 7.50 4.99 -10.28
H52A NAP C . 7.33 3.23 -10.14
H4B NAP C . 9.41 5.05 -9.40
H3B NAP C . 9.66 2.92 -11.47
HO3A NAP C . 10.94 4.81 -12.23
H2B NAP C . 12.20 3.17 -10.91
H8A NAP C . 8.88 0.46 -9.29
H61A NAP C . 11.46 -3.68 -9.69
H62A NAP C . 13.12 -4.16 -9.76
H2A NAP C . 15.55 -0.14 -9.50
H51N NAP C . 2.43 6.52 -9.50
H52N NAP C . 2.97 6.21 -7.84
H4D NAP C . 0.41 5.95 -9.08
H3D NAP C . 1.16 8.25 -8.05
HO3N NAP C . -0.47 8.12 -9.38
H2D NAP C . 1.13 7.80 -5.70
HO2N NAP C . -1.05 8.99 -6.37
H1D NAP C . -1.25 6.22 -5.92
H2N NAP C . -2.57 5.58 -4.39
H71N NAP C . -4.03 4.79 -3.85
H72N NAP C . -5.03 3.90 -2.74
H4N NAP C . -0.27 2.63 -1.72
H5N NAP C . 1.79 4.39 -2.12
H6N NAP C . 1.81 5.57 -4.50
C1 GOL D . -11.19 -20.03 9.91
O1 GOL D . -11.00 -19.81 8.51
C2 GOL D . -12.42 -20.92 10.14
O2 GOL D . -13.60 -20.25 9.61
C3 GOL D . -12.25 -22.28 9.45
O3 GOL D . -13.41 -23.09 9.65
H11 GOL D . -11.32 -19.07 10.42
H12 GOL D . -10.30 -20.51 10.34
HO1 GOL D . -10.81 -18.85 8.35
H2 GOL D . -12.53 -21.08 11.22
HO2 GOL D . -14.25 -20.94 9.30
H31 GOL D . -11.36 -22.78 9.85
H32 GOL D . -12.08 -22.13 8.38
HO3 GOL D . -13.29 -23.96 9.20
#